data_3TYY
#
_entry.id   3TYY
#
_cell.length_a   45.982
_cell.length_b   45.982
_cell.length_c   203.231
_cell.angle_alpha   90.000
_cell.angle_beta   90.000
_cell.angle_gamma   120.000
#
_symmetry.space_group_name_H-M   'P 32 2 1'
#
loop_
_entity.id
_entity.type
_entity.pdbx_description
1 polymer Lamin-B1
2 water water
#
_entity_poly.entity_id   1
_entity_poly.type   'polypeptide(L)'
_entity_poly.pdbx_seq_one_letter_code
;MHHHHHHSSRENLYFQGQKESRACLERIQELEDLLAKEKDNSRRMLTDKEREMAEIRDQMQQQLNDYEQLLDVKLALDME
ISAYRKLLEGEEERL
;
_entity_poly.pdbx_strand_id   A,B
#
# COMPACT_ATOMS: atom_id res chain seq x y z
N GLN A 18 7.75 3.73 55.04
CA GLN A 18 8.83 3.87 54.01
C GLN A 18 8.62 5.03 53.04
N LYS A 19 9.53 6.03 53.06
CA LYS A 19 9.48 7.21 52.18
C LYS A 19 10.57 7.19 51.12
N GLU A 20 10.36 7.96 50.03
CA GLU A 20 11.37 8.28 49.04
C GLU A 20 11.46 9.78 48.90
N SER A 21 12.59 10.25 48.39
CA SER A 21 12.80 11.68 48.13
C SER A 21 11.83 12.28 47.07
N ARG A 22 11.43 13.54 47.27
CA ARG A 22 10.67 14.27 46.28
C ARG A 22 11.31 14.34 44.89
N ALA A 23 12.63 14.51 44.84
CA ALA A 23 13.38 14.68 43.58
C ALA A 23 13.37 13.37 42.79
N CYS A 24 13.47 12.29 43.54
CA CYS A 24 13.47 10.95 43.01
C CYS A 24 12.10 10.59 42.40
N LEU A 25 11.05 10.80 43.19
CA LEU A 25 9.69 10.56 42.76
C LEU A 25 9.34 11.40 41.53
N GLU A 26 9.81 12.64 41.54
CA GLU A 26 9.57 13.56 40.44
C GLU A 26 10.24 12.98 39.20
N ARG A 27 11.45 12.43 39.36
CA ARG A 27 12.17 11.77 38.26
C ARG A 27 11.60 10.41 37.78
N ILE A 28 11.18 9.54 38.70
CA ILE A 28 10.47 8.31 38.33
C ILE A 28 9.17 8.63 37.52
N GLN A 29 8.40 9.62 37.97
CA GLN A 29 7.12 9.93 37.33
C GLN A 29 7.32 10.45 35.90
N GLU A 30 8.21 11.43 35.76
CA GLU A 30 8.70 11.96 34.48
C GLU A 30 9.03 10.84 33.49
N LEU A 31 9.85 9.87 33.92
CA LEU A 31 10.25 8.76 33.04
C LEU A 31 9.07 7.86 32.67
N GLU A 32 8.23 7.56 33.67
CA GLU A 32 6.99 6.79 33.43
C GLU A 32 6.06 7.47 32.41
N ASP A 33 5.92 8.80 32.51
CA ASP A 33 5.22 9.62 31.50
C ASP A 33 5.86 9.60 30.13
N LEU A 34 7.17 9.71 30.09
CA LEU A 34 7.91 9.69 28.83
C LEU A 34 7.76 8.33 28.13
N LEU A 35 7.73 7.27 28.91
CA LEU A 35 7.66 5.93 28.40
C LEU A 35 6.27 5.66 27.77
N ALA A 36 5.21 6.01 28.50
CA ALA A 36 3.85 5.91 27.98
C ALA A 36 3.62 6.78 26.74
N LYS A 37 4.16 8.01 26.72
CA LYS A 37 4.08 8.88 25.52
C LYS A 37 4.79 8.29 24.31
N GLU A 38 5.93 7.64 24.52
CA GLU A 38 6.65 6.98 23.44
C GLU A 38 5.79 5.85 22.86
N LYS A 39 5.28 4.98 23.71
CA LYS A 39 4.27 4.04 23.30
C LYS A 39 3.08 4.65 22.55
N ASP A 40 2.52 5.77 23.05
CA ASP A 40 1.46 6.48 22.32
C ASP A 40 1.85 6.97 20.93
N ASN A 41 2.95 7.73 20.85
CA ASN A 41 3.49 8.24 19.60
CA ASN A 41 3.44 8.24 19.58
C ASN A 41 3.68 7.11 18.59
N SER A 42 4.23 6.01 19.08
CA SER A 42 4.45 4.84 18.26
C SER A 42 3.13 4.22 17.74
N ARG A 43 2.18 3.91 18.63
CA ARG A 43 0.84 3.45 18.23
C ARG A 43 0.17 4.30 17.18
N ARG A 44 0.18 5.62 17.36
CA ARG A 44 -0.50 6.44 16.37
C ARG A 44 0.24 6.62 15.02
N MET A 45 1.57 6.44 14.98
CA MET A 45 2.28 6.50 13.69
C MET A 45 2.03 5.21 12.91
N LEU A 46 2.02 4.09 13.61
CA LEU A 46 1.60 2.79 13.07
C LEU A 46 0.17 2.78 12.54
N THR A 47 -0.72 3.44 13.27
CA THR A 47 -2.13 3.57 12.90
C THR A 47 -2.32 4.37 11.60
N ASP A 48 -1.55 5.45 11.46
CA ASP A 48 -1.54 6.28 10.23
C ASP A 48 -0.99 5.55 9.01
N LYS A 49 0.11 4.80 9.20
CA LYS A 49 0.58 3.83 8.20
C LYS A 49 -0.52 2.84 7.84
N GLU A 50 -1.03 2.12 8.84
CA GLU A 50 -2.11 1.13 8.61
C GLU A 50 -3.33 1.66 7.87
N ARG A 51 -3.76 2.88 8.15
CA ARG A 51 -4.94 3.43 7.48
C ARG A 51 -4.60 3.86 6.07
N GLU A 52 -3.37 4.31 5.86
CA GLU A 52 -2.93 4.65 4.52
C GLU A 52 -2.73 3.40 3.66
N MET A 53 -2.40 2.28 4.30
CA MET A 53 -2.23 1.02 3.57
C MET A 53 -3.54 0.37 3.20
N ALA A 54 -4.56 0.51 4.04
CA ALA A 54 -5.88 -0.05 3.78
C ALA A 54 -6.60 0.78 2.70
N GLU A 55 -6.28 2.07 2.68
CA GLU A 55 -6.79 2.99 1.67
C GLU A 55 -6.19 2.60 0.30
N ILE A 56 -4.93 2.17 0.31
CA ILE A 56 -4.19 1.74 -0.88
C ILE A 56 -4.61 0.37 -1.38
N ARG A 57 -4.74 -0.60 -0.47
CA ARG A 57 -5.23 -1.92 -0.85
C ARG A 57 -6.64 -1.82 -1.41
N ASP A 58 -7.29 -0.69 -1.15
CA ASP A 58 -8.65 -0.45 -1.61
C ASP A 58 -8.65 0.04 -3.06
N GLN A 59 -7.71 0.93 -3.39
CA GLN A 59 -7.49 1.40 -4.75
C GLN A 59 -6.94 0.32 -5.64
N MET A 60 -6.26 -0.66 -5.05
CA MET A 60 -5.82 -1.85 -5.76
C MET A 60 -6.98 -2.80 -6.02
N GLN A 61 -7.96 -2.84 -5.13
CA GLN A 61 -9.16 -3.61 -5.40
C GLN A 61 -9.94 -3.00 -6.57
N GLN A 62 -10.04 -1.68 -6.58
CA GLN A 62 -10.73 -0.93 -7.60
C GLN A 62 -10.06 -1.19 -8.97
N GLN A 63 -8.76 -0.88 -9.04
CA GLN A 63 -7.93 -1.05 -10.23
C GLN A 63 -8.06 -2.44 -10.85
N LEU A 64 -8.17 -3.47 -10.03
CA LEU A 64 -8.32 -4.84 -10.51
C LEU A 64 -9.70 -5.12 -11.11
N ASN A 65 -10.77 -4.59 -10.51
CA ASN A 65 -12.13 -4.72 -11.08
C ASN A 65 -12.25 -4.04 -12.46
N ASP A 66 -11.67 -2.83 -12.56
CA ASP A 66 -11.50 -2.09 -13.83
C ASP A 66 -10.77 -2.89 -14.92
N TYR A 67 -9.61 -3.42 -14.55
CA TYR A 67 -8.83 -4.29 -15.38
C TYR A 67 -9.66 -5.45 -15.95
N GLU A 68 -10.41 -6.15 -15.10
CA GLU A 68 -11.28 -7.25 -15.51
C GLU A 68 -12.38 -6.81 -16.44
N GLN A 69 -12.88 -5.60 -16.19
CA GLN A 69 -13.91 -4.98 -17.01
C GLN A 69 -13.37 -4.70 -18.40
N LEU A 70 -12.20 -4.08 -18.45
CA LEU A 70 -11.55 -3.74 -19.70
C LEU A 70 -11.05 -5.00 -20.42
N LEU A 71 -10.56 -6.01 -19.68
CA LEU A 71 -10.23 -7.27 -20.34
C LEU A 71 -11.44 -7.80 -21.07
N ASP A 72 -12.61 -7.64 -20.50
CA ASP A 72 -13.82 -8.08 -21.20
C ASP A 72 -14.10 -7.38 -22.52
N VAL A 73 -13.88 -6.05 -22.56
CA VAL A 73 -13.95 -5.25 -23.80
C VAL A 73 -12.97 -5.83 -24.83
N LYS A 74 -11.72 -6.01 -24.40
CA LYS A 74 -10.69 -6.65 -25.22
C LYS A 74 -11.08 -8.04 -25.78
N LEU A 75 -11.47 -8.96 -24.90
CA LEU A 75 -11.96 -10.26 -25.35
C LEU A 75 -13.12 -10.17 -26.37
N ALA A 76 -14.01 -9.21 -26.19
CA ALA A 76 -15.10 -9.04 -27.15
C ALA A 76 -14.60 -8.44 -28.51
N LEU A 77 -13.54 -7.61 -28.48
CA LEU A 77 -12.90 -7.10 -29.72
C LEU A 77 -12.24 -8.19 -30.52
N ASP A 78 -11.58 -9.13 -29.85
CA ASP A 78 -11.00 -10.32 -30.49
C ASP A 78 -12.07 -11.17 -31.21
N MET A 79 -13.25 -11.32 -30.60
CA MET A 79 -14.34 -12.08 -31.22
C MET A 79 -14.91 -11.39 -32.47
N GLU A 80 -15.00 -10.09 -32.39
CA GLU A 80 -15.42 -9.25 -33.51
C GLU A 80 -14.39 -9.32 -34.65
N ILE A 81 -13.10 -9.20 -34.33
CA ILE A 81 -12.01 -9.45 -35.30
C ILE A 81 -12.11 -10.82 -35.99
N SER A 82 -12.27 -11.88 -35.19
CA SER A 82 -12.49 -13.26 -35.72
C SER A 82 -13.63 -13.34 -36.73
N ALA A 83 -14.78 -12.74 -36.35
CA ALA A 83 -15.98 -12.65 -37.18
C ALA A 83 -15.81 -11.84 -38.47
N TYR A 84 -15.12 -10.69 -38.41
CA TYR A 84 -14.78 -9.94 -39.64
C TYR A 84 -13.85 -10.73 -40.56
N ARG A 85 -12.86 -11.43 -39.99
CA ARG A 85 -11.96 -12.23 -40.84
C ARG A 85 -12.73 -13.34 -41.59
N LYS A 86 -13.66 -14.00 -40.89
CA LYS A 86 -14.50 -15.01 -41.52
C LYS A 86 -15.47 -14.43 -42.55
N LEU A 87 -16.12 -13.31 -42.20
CA LEU A 87 -17.06 -12.62 -43.10
C LEU A 87 -16.44 -12.19 -44.41
N LEU A 88 -15.23 -11.65 -44.35
CA LEU A 88 -14.56 -11.18 -45.57
C LEU A 88 -14.00 -12.33 -46.46
N GLU A 89 -13.90 -13.54 -45.91
CA GLU A 89 -13.15 -14.62 -46.56
C GLU A 89 -13.76 -15.16 -47.86
N GLY A 90 -13.00 -15.03 -48.94
CA GLY A 90 -13.36 -15.55 -50.27
C GLY A 90 -13.06 -17.03 -50.43
N GLU A 91 -13.41 -17.57 -51.61
CA GLU A 91 -13.32 -19.00 -51.85
C GLU A 91 -11.98 -19.48 -52.46
N GLU A 92 -11.97 -20.71 -53.00
CA GLU A 92 -10.88 -21.28 -53.84
C GLU A 92 -9.46 -21.12 -53.28
N GLU B 20 21.03 9.64 46.78
CA GLU B 20 19.66 9.06 46.58
C GLU B 20 19.67 7.63 47.06
N SER B 21 18.49 7.07 47.37
CA SER B 21 18.43 5.67 47.83
C SER B 21 18.73 4.67 46.70
N ARG B 22 19.19 3.49 47.09
CA ARG B 22 19.55 2.45 46.16
C ARG B 22 18.33 1.94 45.36
N ALA B 23 17.15 1.87 45.99
CA ALA B 23 15.95 1.37 45.33
C ALA B 23 15.45 2.40 44.32
N CYS B 24 15.65 3.67 44.66
CA CYS B 24 15.31 4.75 43.74
C CYS B 24 16.21 4.75 42.52
N LEU B 25 17.53 4.63 42.73
CA LEU B 25 18.49 4.59 41.61
C LEU B 25 18.22 3.44 40.64
N GLU B 26 17.88 2.28 41.18
CA GLU B 26 17.55 1.11 40.36
C GLU B 26 16.32 1.32 39.49
N ARG B 27 15.27 1.91 40.08
CA ARG B 27 14.03 2.21 39.36
C ARG B 27 14.23 3.26 38.26
N ILE B 28 14.98 4.32 38.58
CA ILE B 28 15.37 5.32 37.58
C ILE B 28 16.17 4.68 36.45
N GLN B 29 17.18 3.87 36.80
CA GLN B 29 17.97 3.17 35.80
C GLN B 29 17.12 2.25 34.93
N GLU B 30 16.26 1.44 35.56
CA GLU B 30 15.35 0.54 34.85
C GLU B 30 14.46 1.27 33.82
N LEU B 31 13.85 2.39 34.24
CA LEU B 31 12.98 3.21 33.39
C LEU B 31 13.76 3.86 32.23
N GLU B 32 15.01 4.27 32.48
CA GLU B 32 15.90 4.83 31.43
C GLU B 32 16.14 3.80 30.34
N ASP B 33 16.40 2.56 30.78
CA ASP B 33 16.57 1.40 29.88
C ASP B 33 15.32 1.17 29.05
N LEU B 34 14.18 1.07 29.73
CA LEU B 34 12.91 0.77 29.05
C LEU B 34 12.60 1.89 28.08
N LEU B 35 12.91 3.14 28.43
CA LEU B 35 12.69 4.25 27.46
C LEU B 35 13.61 4.13 26.22
N ALA B 36 14.91 3.89 26.42
CA ALA B 36 15.84 3.63 25.28
C ALA B 36 15.41 2.40 24.43
N LYS B 37 15.12 1.27 25.06
CA LYS B 37 14.54 0.09 24.40
C LYS B 37 13.31 0.46 23.54
N GLU B 38 12.37 1.20 24.14
CA GLU B 38 11.14 1.63 23.47
C GLU B 38 11.40 2.55 22.30
N LYS B 39 12.32 3.51 22.44
CA LYS B 39 12.68 4.35 21.28
C LYS B 39 13.30 3.53 20.14
N ASP B 40 14.01 2.46 20.49
CA ASP B 40 14.52 1.52 19.48
C ASP B 40 13.40 0.74 18.82
N ASN B 41 12.41 0.29 19.60
CA ASN B 41 11.20 -0.37 19.04
C ASN B 41 10.43 0.50 18.05
N SER B 42 10.24 1.77 18.39
CA SER B 42 9.59 2.73 17.48
C SER B 42 10.34 2.84 16.15
N ARG B 43 11.66 3.10 16.20
CA ARG B 43 12.48 3.15 14.98
C ARG B 43 12.34 1.88 14.13
N ARG B 44 12.42 0.70 14.74
CA ARG B 44 12.24 -0.56 14.01
C ARG B 44 10.84 -0.77 13.42
N MET B 45 9.80 -0.36 14.14
CA MET B 45 8.43 -0.58 13.68
C MET B 45 8.07 0.38 12.55
N LEU B 46 8.60 1.59 12.62
CA LEU B 46 8.45 2.58 11.57
C LEU B 46 9.21 2.17 10.28
N THR B 47 10.50 1.87 10.40
CA THR B 47 11.30 1.32 9.28
C THR B 47 10.55 0.20 8.57
N ASP B 48 10.07 -0.79 9.33
CA ASP B 48 9.33 -1.93 8.75
C ASP B 48 8.00 -1.57 8.08
N LYS B 49 7.32 -0.55 8.59
CA LYS B 49 6.02 -0.21 8.05
C LYS B 49 6.19 0.63 6.78
N GLU B 50 7.28 1.38 6.71
CA GLU B 50 7.69 2.04 5.49
C GLU B 50 8.12 1.03 4.43
N ARG B 51 8.78 -0.04 4.87
CA ARG B 51 9.21 -1.10 3.97
C ARG B 51 7.99 -1.81 3.37
N GLU B 52 6.99 -2.10 4.20
CA GLU B 52 5.70 -2.63 3.74
C GLU B 52 4.99 -1.67 2.79
N MET B 53 5.01 -0.38 3.14
CA MET B 53 4.42 0.70 2.35
C MET B 53 5.01 0.79 0.95
N ALA B 54 6.33 0.71 0.84
CA ALA B 54 7.03 0.79 -0.44
C ALA B 54 6.74 -0.43 -1.34
N GLU B 55 6.61 -1.62 -0.73
CA GLU B 55 6.22 -2.84 -1.44
C GLU B 55 4.81 -2.74 -2.03
N ILE B 56 3.86 -2.23 -1.25
CA ILE B 56 2.48 -2.14 -1.72
C ILE B 56 2.32 -1.02 -2.74
N ARG B 57 3.01 0.10 -2.59
CA ARG B 57 2.89 1.19 -3.58
C ARG B 57 3.56 0.88 -4.92
N ASP B 58 4.53 -0.02 -4.90
CA ASP B 58 5.12 -0.54 -6.11
C ASP B 58 4.21 -1.61 -6.75
N GLN B 59 3.63 -2.49 -5.95
CA GLN B 59 2.62 -3.44 -6.42
C GLN B 59 1.48 -2.71 -7.12
N MET B 60 1.09 -1.57 -6.57
CA MET B 60 0.00 -0.79 -7.14
C MET B 60 0.44 -0.10 -8.43
N GLN B 61 1.70 0.30 -8.50
CA GLN B 61 2.21 0.91 -9.71
C GLN B 61 2.25 -0.10 -10.86
N GLN B 62 2.68 -1.33 -10.56
CA GLN B 62 2.69 -2.39 -11.56
C GLN B 62 1.29 -2.69 -12.09
N GLN B 63 0.30 -2.69 -11.19
CA GLN B 63 -1.13 -2.87 -11.54
C GLN B 63 -1.66 -1.75 -12.45
N LEU B 64 -1.32 -0.51 -12.10
CA LEU B 64 -1.65 0.63 -12.94
C LEU B 64 -1.02 0.48 -14.33
N ASN B 65 0.18 -0.10 -14.38
CA ASN B 65 0.82 -0.30 -15.67
C ASN B 65 0.24 -1.41 -16.50
N ASP B 66 -0.22 -2.48 -15.85
CA ASP B 66 -0.92 -3.57 -16.54
C ASP B 66 -2.17 -3.06 -17.22
N TYR B 67 -2.86 -2.14 -16.55
CA TYR B 67 -4.08 -1.60 -17.06
C TYR B 67 -3.82 -0.68 -18.25
N GLU B 68 -2.76 0.13 -18.17
CA GLU B 68 -2.39 1.03 -19.29
C GLU B 68 -1.90 0.26 -20.51
N GLN B 69 -1.24 -0.87 -20.28
CA GLN B 69 -0.81 -1.76 -21.36
C GLN B 69 -1.99 -2.46 -22.03
N LEU B 70 -2.91 -2.93 -21.20
CA LEU B 70 -4.17 -3.49 -21.68
C LEU B 70 -4.99 -2.45 -22.46
N LEU B 71 -5.05 -1.21 -21.97
CA LEU B 71 -5.73 -0.12 -22.70
C LEU B 71 -5.13 0.05 -24.08
N ASP B 72 -3.80 -0.04 -24.18
CA ASP B 72 -3.11 0.08 -25.47
C ASP B 72 -3.42 -1.05 -26.42
N VAL B 73 -3.42 -2.28 -25.94
CA VAL B 73 -3.81 -3.45 -26.74
C VAL B 73 -5.23 -3.20 -27.23
N LYS B 74 -6.13 -2.84 -26.31
CA LYS B 74 -7.54 -2.48 -26.65
C LYS B 74 -7.65 -1.42 -27.72
N LEU B 75 -6.88 -0.32 -27.58
CA LEU B 75 -6.89 0.77 -28.57
C LEU B 75 -6.35 0.36 -29.94
N ALA B 76 -5.38 -0.56 -29.95
CA ALA B 76 -4.81 -1.09 -31.19
C ALA B 76 -5.89 -2.01 -31.85
N LEU B 77 -6.57 -2.87 -31.09
CA LEU B 77 -7.75 -3.57 -31.68
C LEU B 77 -8.86 -2.65 -32.22
N ASP B 78 -9.09 -1.48 -31.62
CA ASP B 78 -10.10 -0.57 -32.18
C ASP B 78 -9.71 -0.17 -33.62
N MET B 79 -8.40 0.03 -33.84
CA MET B 79 -7.88 0.44 -35.15
C MET B 79 -7.89 -0.69 -36.15
N GLU B 80 -7.63 -1.91 -35.69
CA GLU B 80 -7.79 -3.10 -36.50
C GLU B 80 -9.22 -3.29 -36.98
N ILE B 81 -10.18 -3.22 -36.03
CA ILE B 81 -11.63 -3.12 -36.33
C ILE B 81 -11.93 -2.11 -37.45
N SER B 82 -11.42 -0.88 -37.35
CA SER B 82 -11.56 0.13 -38.42
C SER B 82 -11.04 -0.35 -39.78
N ALA B 83 -9.82 -0.87 -39.82
CA ALA B 83 -9.26 -1.40 -41.06
C ALA B 83 -10.16 -2.51 -41.65
N TYR B 84 -10.65 -3.45 -40.81
CA TYR B 84 -11.59 -4.47 -41.27
C TYR B 84 -12.91 -3.90 -41.79
N ARG B 85 -13.48 -2.91 -41.09
CA ARG B 85 -14.68 -2.24 -41.59
CA ARG B 85 -14.67 -2.15 -41.53
C ARG B 85 -14.41 -1.57 -42.93
N LYS B 86 -13.24 -0.95 -43.08
CA LYS B 86 -12.89 -0.33 -44.35
C LYS B 86 -12.93 -1.36 -45.51
N LEU B 87 -12.46 -2.59 -45.26
CA LEU B 87 -12.46 -3.65 -46.25
C LEU B 87 -13.86 -4.20 -46.54
N LEU B 88 -14.71 -4.24 -45.53
CA LEU B 88 -16.05 -4.74 -45.72
C LEU B 88 -16.95 -3.68 -46.35
N GLU B 89 -16.96 -2.50 -45.72
CA GLU B 89 -17.88 -1.39 -46.03
C GLU B 89 -17.33 -0.44 -47.10
N GLY B 90 -16.35 -0.92 -47.87
CA GLY B 90 -15.82 -0.19 -49.03
C GLY B 90 -15.97 -0.97 -50.33
#